data_8CMB
#
_entry.id   8CMB
#
_cell.length_a   89.290
_cell.length_b   136.120
_cell.length_c   41.180
_cell.angle_alpha   90.000
_cell.angle_beta   90.000
_cell.angle_gamma   90.000
#
_symmetry.space_group_name_H-M   'P 21 21 2'
#
loop_
_entity.id
_entity.type
_entity.pdbx_description
1 polymer 'HLA class II histocompatibility antigen, DR alpha chain'
2 polymer 'Human leukocyte antigen DR beta chain allotype DR1 (DRB1*0101)'
3 polymer "Spike protein S2'"
4 non-polymer 1,2-ETHANEDIOL
5 non-polymer 2-AMINO-ETHANETHIOL
6 water water
#
loop_
_entity_poly.entity_id
_entity_poly.type
_entity_poly.pdbx_seq_one_letter_code
_entity_poly.pdbx_strand_id
1 'polypeptide(L)'
;MIKEEHVIIQAEFYLNPDQSGEFMFDFDGDEIFHVDMAKKETVWRLEEFGRFASFEAQGALANIAVDKANLEIMTKRSNY
TPITNVPPEVTVLTNSPVELREPNVLICFIDKFTPPVVNVTWLRNGKPVTTGVSETVFLPREDHLFRKFHYLPFLPSTED
VYDCRVEHWGLDEPLLKHWEFDA
;
A
2 'polypeptide(L)'
;MGSMGDTRPRFLWQLKFECHFFNGTERVRLLERCIYNQEESVRFDSDVGEYRAVTELGRPDAEYWNSQKDLLEQRRAAVD
TYCRHNYGVGESFTVQRRVEPKVTVYPSKTQPLQHHNLLVCSVSGFYPGSIEVRWFRNGQEEKAGVVSTGLIQNGDWTFQ
TLVMLETVPRSGEVYTCQVEHPSVTSPLTVEWRA
;
B
3 'polypeptide(L)' FNCYFPLQSYGFQPTNGVGY C
#
loop_
_chem_comp.id
_chem_comp.type
_chem_comp.name
_chem_comp.formula
EDO non-polymer 1,2-ETHANEDIOL 'C2 H6 O2'
#
# COMPACT_ATOMS: atom_id res chain seq x y z
N GLU A 4 -7.65 15.76 12.41
CA GLU A 4 -6.70 14.68 12.17
C GLU A 4 -7.43 13.42 11.74
N GLU A 5 -6.91 12.68 10.77
CA GLU A 5 -7.56 11.43 10.40
C GLU A 5 -6.49 10.42 10.00
N HIS A 6 -6.43 9.30 10.72
CA HIS A 6 -5.40 8.30 10.48
C HIS A 6 -5.98 6.93 10.80
N VAL A 7 -5.43 5.91 10.16
CA VAL A 7 -5.90 4.55 10.40
C VAL A 7 -4.68 3.67 10.52
N ILE A 8 -4.58 2.93 11.62
CA ILE A 8 -3.57 1.90 11.80
C ILE A 8 -4.26 0.55 11.72
N ILE A 9 -3.72 -0.33 10.87
CA ILE A 9 -4.33 -1.64 10.62
C ILE A 9 -3.30 -2.72 10.91
N GLN A 10 -3.66 -3.65 11.79
CA GLN A 10 -2.92 -4.88 11.96
C GLN A 10 -3.60 -5.87 11.02
N ALA A 11 -2.92 -6.32 9.98
CA ALA A 11 -3.52 -7.23 9.01
C ALA A 11 -2.77 -8.55 8.97
N GLU A 12 -3.52 -9.67 9.04
CA GLU A 12 -2.92 -11.01 9.01
C GLU A 12 -3.61 -11.86 7.97
N PHE A 13 -2.92 -12.92 7.55
CA PHE A 13 -3.63 -13.90 6.75
C PHE A 13 -2.95 -15.26 6.88
N TYR A 14 -3.74 -16.30 6.53
CA TYR A 14 -3.21 -17.63 6.31
C TYR A 14 -3.84 -18.20 5.06
N LEU A 15 -3.03 -18.91 4.26
CA LEU A 15 -3.44 -19.43 2.97
C LEU A 15 -3.04 -20.90 2.88
N ASN A 16 -4.04 -21.76 2.52
CA ASN A 16 -3.91 -23.18 2.26
C ASN A 16 -4.23 -23.44 0.81
N PRO A 17 -3.61 -24.47 0.21
CA PRO A 17 -2.71 -25.44 0.84
C PRO A 17 -1.23 -24.97 0.91
N ASP A 18 -0.99 -23.73 0.47
CA ASP A 18 0.34 -23.10 0.52
C ASP A 18 0.97 -23.09 1.90
N GLN A 19 0.15 -23.03 2.95
CA GLN A 19 0.65 -22.90 4.32
C GLN A 19 1.53 -21.66 4.44
N SER A 20 1.02 -20.55 3.88
CA SER A 20 1.67 -19.25 3.89
C SER A 20 0.97 -18.31 4.84
N GLY A 21 1.72 -17.76 5.79
CA GLY A 21 1.15 -16.80 6.72
C GLY A 21 1.73 -15.40 6.51
N GLU A 22 1.02 -14.39 7.02
CA GLU A 22 1.54 -13.04 6.98
C GLU A 22 1.00 -12.25 8.16
N PHE A 23 1.83 -11.37 8.69
CA PHE A 23 1.42 -10.43 9.73
C PHE A 23 2.13 -9.12 9.48
N MET A 24 1.36 -8.02 9.40
CA MET A 24 1.95 -6.70 9.16
C MET A 24 1.07 -5.63 9.78
N PHE A 25 1.68 -4.45 9.99
CA PHE A 25 1.00 -3.24 10.44
C PHE A 25 1.07 -2.21 9.31
N ASP A 26 -0.03 -1.49 9.09
CA ASP A 26 -0.21 -0.54 8.01
C ASP A 26 -0.61 0.79 8.66
N PHE A 27 0.01 1.91 8.23
CA PHE A 27 -0.39 3.24 8.66
C PHE A 27 -0.77 4.03 7.40
N ASP A 28 -2.06 4.41 7.29
CA ASP A 28 -2.58 5.18 6.14
C ASP A 28 -2.12 4.58 4.80
N GLY A 29 -2.05 3.25 4.70
CA GLY A 29 -1.73 2.64 3.41
C GLY A 29 -0.25 2.31 3.20
N ASP A 30 0.62 2.65 4.15
CA ASP A 30 2.05 2.30 4.07
C ASP A 30 2.36 1.28 5.16
N GLU A 31 3.31 0.38 4.86
CA GLU A 31 3.67 -0.69 5.80
C GLU A 31 4.64 -0.16 6.88
N ILE A 32 4.27 -0.30 8.16
CA ILE A 32 5.26 -0.04 9.24
C ILE A 32 6.25 -1.20 9.34
N PHE A 33 5.73 -2.42 9.48
CA PHE A 33 6.60 -3.59 9.58
C PHE A 33 5.78 -4.82 9.23
N HIS A 34 6.50 -5.93 9.03
CA HIS A 34 5.87 -7.24 8.97
C HIS A 34 6.78 -8.21 9.72
N VAL A 35 6.30 -9.44 9.89
CA VAL A 35 7.12 -10.48 10.53
C VAL A 35 7.48 -11.52 9.48
N ASP A 36 8.77 -11.79 9.34
CA ASP A 36 9.30 -12.85 8.48
C ASP A 36 9.03 -14.20 9.13
N MET A 37 8.18 -15.02 8.47
CA MET A 37 7.71 -16.22 9.14
C MET A 37 8.78 -17.29 9.13
N ALA A 38 9.71 -17.22 8.20
CA ALA A 38 10.81 -18.19 8.12
C ALA A 38 11.87 -17.88 9.18
N LYS A 39 12.28 -16.62 9.27
CA LYS A 39 13.29 -16.17 10.23
C LYS A 39 12.68 -15.85 11.59
N LYS A 40 11.35 -15.82 11.68
CA LYS A 40 10.65 -15.53 12.91
C LYS A 40 11.14 -14.18 13.48
N GLU A 41 11.16 -13.16 12.63
CA GLU A 41 11.67 -11.88 13.14
C GLU A 41 10.98 -10.67 12.49
N THR A 42 10.96 -9.57 13.24
CA THR A 42 10.32 -8.33 12.79
C THR A 42 11.17 -7.66 11.71
N VAL A 43 10.54 -7.21 10.63
CA VAL A 43 11.21 -6.57 9.50
C VAL A 43 10.57 -5.20 9.30
N TRP A 44 11.34 -4.15 9.55
CA TRP A 44 10.85 -2.77 9.49
C TRP A 44 10.92 -2.26 8.05
N ARG A 45 9.87 -1.56 7.63
CA ARG A 45 9.77 -1.15 6.24
C ARG A 45 10.84 -0.13 5.88
N LEU A 46 11.05 0.86 6.75
CA LEU A 46 12.20 1.75 6.68
C LEU A 46 13.14 1.40 7.82
N GLU A 47 14.45 1.43 7.55
CA GLU A 47 15.42 0.97 8.55
C GLU A 47 15.28 1.75 9.87
N GLU A 48 15.09 3.06 9.82
CA GLU A 48 15.09 3.85 11.04
C GLU A 48 13.94 3.47 11.98
N PHE A 49 12.83 2.97 11.42
CA PHE A 49 11.71 2.58 12.27
C PHE A 49 12.20 1.62 13.37
N GLY A 50 13.15 0.72 13.05
CA GLY A 50 13.56 -0.21 14.07
C GLY A 50 14.43 0.41 15.14
N ARG A 51 14.91 1.59 14.91
CA ARG A 51 15.61 2.34 15.93
C ARG A 51 14.64 3.04 16.86
N PHE A 52 13.41 3.30 16.41
CA PHE A 52 12.43 4.04 17.19
C PHE A 52 11.47 3.15 17.97
N ALA A 53 11.23 1.93 17.50
CA ALA A 53 10.14 1.13 18.04
C ALA A 53 10.58 -0.35 18.03
N SER A 54 9.77 -1.19 18.67
CA SER A 54 10.04 -2.61 18.69
CA SER A 54 10.03 -2.62 18.80
C SER A 54 8.72 -3.38 18.64
N PHE A 55 8.84 -4.65 18.28
CA PHE A 55 7.68 -5.54 18.18
C PHE A 55 8.18 -6.95 18.40
N GLU A 56 7.56 -7.64 19.35
CA GLU A 56 7.89 -9.03 19.68
C GLU A 56 7.29 -9.98 18.66
N ALA A 57 8.14 -10.58 17.84
CA ALA A 57 7.72 -11.38 16.69
C ALA A 57 6.89 -12.63 17.08
N GLN A 58 7.12 -13.18 18.28
CA GLN A 58 6.38 -14.36 18.74
C GLN A 58 4.89 -14.10 18.90
N GLY A 59 4.48 -12.87 19.23
CA GLY A 59 3.04 -12.56 19.20
C GLY A 59 2.44 -12.75 17.82
N ALA A 60 3.17 -12.36 16.75
CA ALA A 60 2.68 -12.58 15.40
C ALA A 60 2.58 -14.06 15.11
N LEU A 61 3.60 -14.82 15.53
CA LEU A 61 3.60 -16.24 15.21
C LEU A 61 2.47 -16.97 15.91
N ALA A 62 2.19 -16.59 17.17
CA ALA A 62 1.05 -17.17 17.88
C ALA A 62 -0.27 -16.85 17.16
N ASN A 63 -0.44 -15.59 16.74
CA ASN A 63 -1.64 -15.24 15.97
C ASN A 63 -1.77 -16.07 14.71
N ILE A 64 -0.66 -16.30 14.02
CA ILE A 64 -0.68 -17.09 12.80
C ILE A 64 -1.14 -18.53 13.05
N ALA A 65 -0.66 -19.15 14.13
CA ALA A 65 -1.17 -20.47 14.47
C ALA A 65 -2.70 -20.46 14.62
N VAL A 66 -3.22 -19.45 15.33
CA VAL A 66 -4.67 -19.37 15.49
C VAL A 66 -5.36 -19.14 14.15
N ASP A 67 -4.78 -18.30 13.30
CA ASP A 67 -5.37 -18.04 11.98
C ASP A 67 -5.44 -19.30 11.16
N LYS A 68 -4.39 -20.11 11.23
CA LYS A 68 -4.37 -21.40 10.54
C LYS A 68 -5.51 -22.29 11.02
N ALA A 69 -5.68 -22.37 12.35
CA ALA A 69 -6.75 -23.21 12.89
C ALA A 69 -8.11 -22.71 12.42
N ASN A 70 -8.32 -21.39 12.46
CA ASN A 70 -9.60 -20.83 12.04
C ASN A 70 -9.86 -21.02 10.54
N LEU A 71 -8.83 -20.89 9.70
CA LEU A 71 -8.97 -21.17 8.27
C LEU A 71 -9.46 -22.60 8.05
N GLU A 72 -8.89 -23.56 8.76
CA GLU A 72 -9.32 -24.94 8.56
C GLU A 72 -10.79 -25.09 8.92
N ILE A 73 -11.19 -24.48 10.05
CA ILE A 73 -12.60 -24.57 10.45
C ILE A 73 -13.49 -23.93 9.39
N MET A 74 -13.10 -22.77 8.90
CA MET A 74 -13.95 -22.03 7.99
C MET A 74 -14.01 -22.70 6.63
N THR A 75 -12.89 -23.32 6.22
CA THR A 75 -12.87 -24.11 5.01
C THR A 75 -13.88 -25.23 5.09
N LYS A 76 -13.88 -25.98 6.20
CA LYS A 76 -14.88 -27.03 6.37
C LYS A 76 -16.30 -26.46 6.45
N ARG A 77 -16.48 -25.38 7.20
CA ARG A 77 -17.80 -24.81 7.41
C ARG A 77 -18.44 -24.33 6.11
N SER A 78 -17.67 -23.80 5.17
CA SER A 78 -18.15 -23.34 3.87
C SER A 78 -18.33 -24.47 2.86
N ASN A 79 -18.30 -25.74 3.31
CA ASN A 79 -18.28 -26.90 2.41
C ASN A 79 -17.15 -26.80 1.38
N TYR A 80 -15.98 -26.35 1.82
CA TYR A 80 -14.80 -26.34 0.96
C TYR A 80 -15.02 -25.44 -0.26
N THR A 81 -15.52 -24.24 0.01
CA THR A 81 -15.69 -23.23 -1.03
C THR A 81 -14.37 -22.51 -1.22
N PRO A 82 -13.73 -22.59 -2.39
CA PRO A 82 -12.41 -21.98 -2.59
C PRO A 82 -12.51 -20.51 -3.00
N ILE A 83 -11.38 -19.81 -2.91
CA ILE A 83 -11.37 -18.40 -3.29
C ILE A 83 -11.52 -18.29 -4.80
N THR A 84 -12.21 -17.25 -5.26
CA THR A 84 -12.25 -16.93 -6.70
C THR A 84 -11.02 -16.07 -7.02
N ASN A 85 -10.23 -16.52 -8.00
CA ASN A 85 -9.06 -15.77 -8.40
C ASN A 85 -9.48 -14.41 -8.95
N VAL A 86 -8.83 -13.34 -8.47
CA VAL A 86 -8.98 -11.98 -9.02
C VAL A 86 -7.61 -11.55 -9.52
N PRO A 87 -7.42 -11.38 -10.84
CA PRO A 87 -6.07 -11.14 -11.39
C PRO A 87 -5.64 -9.72 -11.12
N PRO A 88 -4.33 -9.44 -11.09
CA PRO A 88 -3.86 -8.08 -10.77
C PRO A 88 -3.88 -7.13 -11.96
N GLU A 89 -3.87 -5.84 -11.62
CA GLU A 89 -3.58 -4.70 -12.50
C GLU A 89 -2.13 -4.32 -12.26
N VAL A 90 -1.35 -4.15 -13.32
CA VAL A 90 0.08 -3.94 -13.19
C VAL A 90 0.46 -2.64 -13.90
N THR A 91 1.20 -1.77 -13.19
CA THR A 91 1.69 -0.52 -13.76
C THR A 91 3.19 -0.45 -13.50
N VAL A 92 3.97 0.04 -14.47
CA VAL A 92 5.40 0.27 -14.33
C VAL A 92 5.65 1.77 -14.38
N LEU A 93 6.38 2.29 -13.37
CA LEU A 93 6.75 3.70 -13.40
C LEU A 93 8.14 3.83 -12.80
N THR A 94 8.72 5.02 -12.88
CA THR A 94 9.97 5.24 -12.17
C THR A 94 9.75 6.06 -10.92
N ASN A 95 10.78 6.02 -10.06
CA ASN A 95 10.80 6.78 -8.82
C ASN A 95 10.80 8.28 -9.08
N SER A 96 11.46 8.73 -10.15
CA SER A 96 11.64 10.15 -10.44
C SER A 96 11.88 10.30 -11.94
N PRO A 97 11.88 11.53 -12.45
CA PRO A 97 12.16 11.71 -13.89
C PRO A 97 13.52 11.16 -14.27
N VAL A 98 13.56 10.49 -15.41
CA VAL A 98 14.69 9.68 -15.82
C VAL A 98 15.67 10.54 -16.56
N GLU A 99 16.92 10.47 -16.18
CA GLU A 99 17.99 11.11 -16.92
C GLU A 99 19.05 10.06 -17.21
N LEU A 100 19.55 10.05 -18.45
CA LEU A 100 20.65 9.18 -18.85
C LEU A 100 21.76 9.22 -17.81
N ARG A 101 22.22 8.03 -17.42
CA ARG A 101 23.40 7.83 -16.58
C ARG A 101 23.20 8.38 -15.16
N GLU A 102 21.97 8.67 -14.76
CA GLU A 102 21.64 9.09 -13.41
C GLU A 102 20.86 7.97 -12.75
N PRO A 103 21.41 7.29 -11.75
CA PRO A 103 20.70 6.17 -11.12
C PRO A 103 19.27 6.50 -10.77
N ASN A 104 18.36 5.55 -11.01
CA ASN A 104 16.92 5.71 -10.80
C ASN A 104 16.37 4.37 -10.32
N VAL A 105 15.05 4.26 -10.19
CA VAL A 105 14.46 3.01 -9.74
C VAL A 105 13.16 2.76 -10.50
N LEU A 106 13.04 1.55 -11.07
CA LEU A 106 11.81 1.10 -11.71
C LEU A 106 10.92 0.43 -10.69
N ILE A 107 9.62 0.78 -10.70
CA ILE A 107 8.62 0.27 -9.75
C ILE A 107 7.57 -0.53 -10.54
N CYS A 108 7.39 -1.77 -10.17
CA CYS A 108 6.30 -2.56 -10.71
C CYS A 108 5.25 -2.62 -9.61
N PHE A 109 4.14 -1.92 -9.84
CA PHE A 109 3.02 -1.83 -8.90
C PHE A 109 1.95 -2.84 -9.30
N ILE A 110 1.68 -3.80 -8.40
CA ILE A 110 0.76 -4.90 -8.65
C ILE A 110 -0.44 -4.76 -7.72
N ASP A 111 -1.65 -4.57 -8.28
CA ASP A 111 -2.80 -4.11 -7.50
C ASP A 111 -4.05 -4.97 -7.77
N LYS A 112 -4.95 -5.01 -6.78
CA LYS A 112 -6.32 -5.46 -6.94
C LYS A 112 -6.38 -6.95 -7.29
N PHE A 113 -5.62 -7.78 -6.55
CA PHE A 113 -5.57 -9.21 -6.79
C PHE A 113 -5.80 -10.04 -5.52
N THR A 114 -6.27 -11.28 -5.76
CA THR A 114 -6.31 -12.30 -4.72
C THR A 114 -6.38 -13.67 -5.40
N PRO A 115 -5.84 -14.74 -4.78
CA PRO A 115 -5.19 -14.78 -3.46
C PRO A 115 -3.77 -14.15 -3.48
N PRO A 116 -3.13 -14.01 -2.29
CA PRO A 116 -1.84 -13.31 -2.20
C PRO A 116 -0.71 -14.25 -2.59
N VAL A 117 -0.68 -14.56 -3.88
CA VAL A 117 0.39 -15.34 -4.49
C VAL A 117 0.60 -14.72 -5.84
N VAL A 118 1.82 -14.27 -6.13
CA VAL A 118 2.03 -13.68 -7.43
C VAL A 118 3.50 -13.83 -7.78
N ASN A 119 3.77 -14.03 -9.06
CA ASN A 119 5.16 -14.15 -9.51
C ASN A 119 5.54 -12.96 -10.38
N VAL A 120 6.69 -12.33 -10.05
CA VAL A 120 7.11 -11.10 -10.72
C VAL A 120 8.53 -11.29 -11.20
N THR A 121 8.76 -11.07 -12.50
CA THR A 121 10.11 -11.14 -13.09
C THR A 121 10.42 -9.82 -13.79
N TRP A 122 11.53 -9.18 -13.42
CA TRP A 122 12.08 -8.07 -14.21
C TRP A 122 12.87 -8.64 -15.38
N LEU A 123 12.60 -8.15 -16.59
CA LEU A 123 13.37 -8.53 -17.79
C LEU A 123 14.06 -7.27 -18.35
N ARG A 124 15.39 -7.33 -18.49
CA ARG A 124 16.21 -6.32 -19.16
C ARG A 124 16.54 -6.82 -20.57
N ASN A 125 16.19 -6.03 -21.58
CA ASN A 125 16.31 -6.50 -22.96
C ASN A 125 15.86 -7.95 -23.12
N GLY A 126 14.74 -8.31 -22.47
CA GLY A 126 14.10 -9.60 -22.62
C GLY A 126 14.65 -10.73 -21.77
N LYS A 127 15.65 -10.45 -20.90
CA LYS A 127 16.40 -11.42 -20.11
C LYS A 127 16.18 -11.20 -18.62
N PRO A 128 15.91 -12.26 -17.84
CA PRO A 128 15.61 -12.06 -16.41
C PRO A 128 16.78 -11.35 -15.73
N VAL A 129 16.47 -10.37 -14.89
CA VAL A 129 17.48 -9.65 -14.13
C VAL A 129 17.11 -9.72 -12.67
N THR A 130 18.09 -10.05 -11.84
CA THR A 130 17.99 -10.19 -10.39
C THR A 130 18.78 -9.13 -9.61
N THR A 131 19.57 -8.29 -10.26
CA THR A 131 20.57 -7.47 -9.57
C THR A 131 19.85 -6.43 -8.73
N GLY A 132 20.10 -6.45 -7.43
CA GLY A 132 19.56 -5.45 -6.53
C GLY A 132 18.06 -5.26 -6.53
N VAL A 133 17.26 -6.27 -6.94
CA VAL A 133 15.81 -6.15 -6.87
C VAL A 133 15.37 -6.25 -5.42
N SER A 134 14.21 -5.66 -5.11
CA SER A 134 13.59 -5.85 -3.78
C SER A 134 12.08 -5.84 -3.97
N GLU A 135 11.34 -6.27 -2.94
CA GLU A 135 9.88 -6.33 -3.04
C GLU A 135 9.28 -6.17 -1.65
N THR A 136 8.01 -5.81 -1.59
CA THR A 136 7.23 -5.74 -0.36
C THR A 136 6.44 -7.03 -0.19
N VAL A 137 5.95 -7.27 1.04
CA VAL A 137 4.97 -8.31 1.28
C VAL A 137 3.64 -7.87 0.65
N PHE A 138 2.59 -8.66 0.85
CA PHE A 138 1.28 -8.35 0.30
C PHE A 138 0.64 -7.29 1.20
N LEU A 139 0.13 -6.23 0.60
CA LEU A 139 -0.41 -5.14 1.37
C LEU A 139 -1.93 -5.13 1.29
N PRO A 140 -2.61 -4.82 2.38
CA PRO A 140 -4.07 -4.96 2.41
C PRO A 140 -4.81 -3.84 1.68
N ARG A 141 -5.99 -4.16 1.14
CA ARG A 141 -6.91 -3.21 0.51
C ARG A 141 -8.27 -3.26 1.22
N GLU A 142 -9.04 -2.17 1.17
CA GLU A 142 -10.35 -2.17 1.79
C GLU A 142 -11.32 -3.17 1.15
N ASP A 143 -11.14 -3.52 -0.14
CA ASP A 143 -11.99 -4.54 -0.74
C ASP A 143 -11.46 -5.96 -0.48
N HIS A 144 -10.49 -6.10 0.43
CA HIS A 144 -9.89 -7.34 0.89
C HIS A 144 -9.07 -8.06 -0.18
N LEU A 145 -8.80 -7.38 -1.32
CA LEU A 145 -7.78 -7.80 -2.29
C LEU A 145 -6.43 -7.33 -1.76
N PHE A 146 -5.37 -7.42 -2.57
CA PHE A 146 -4.02 -7.06 -2.13
C PHE A 146 -3.28 -6.18 -3.14
N ARG A 147 -2.19 -5.55 -2.63
CA ARG A 147 -1.25 -4.77 -3.42
C ARG A 147 0.17 -5.24 -3.08
N LYS A 148 1.09 -4.93 -3.99
CA LYS A 148 2.48 -5.38 -3.84
C LYS A 148 3.35 -4.48 -4.72
N PHE A 149 4.60 -4.25 -4.30
CA PHE A 149 5.53 -3.44 -5.08
C PHE A 149 6.82 -4.24 -5.30
N HIS A 150 7.34 -4.19 -6.52
CA HIS A 150 8.68 -4.71 -6.80
C HIS A 150 9.55 -3.59 -7.35
N TYR A 151 10.83 -3.61 -7.01
CA TYR A 151 11.74 -2.49 -7.31
C TYR A 151 12.98 -3.01 -8.02
N LEU A 152 13.44 -2.25 -9.01
CA LEU A 152 14.68 -2.53 -9.72
C LEU A 152 15.51 -1.26 -9.87
N PRO A 153 16.54 -1.05 -9.04
CA PRO A 153 17.44 0.08 -9.29
C PRO A 153 18.12 -0.08 -10.64
N PHE A 154 18.25 1.02 -11.38
CA PHE A 154 18.89 0.88 -12.65
C PHE A 154 19.59 2.17 -13.06
N LEU A 155 20.52 2.02 -14.00
CA LEU A 155 21.25 3.13 -14.57
C LEU A 155 20.67 3.42 -15.95
N PRO A 156 19.97 4.53 -16.17
CA PRO A 156 19.21 4.68 -17.41
C PRO A 156 20.13 4.87 -18.63
N SER A 157 19.75 4.24 -19.74
CA SER A 157 20.53 4.29 -20.98
C SER A 157 19.58 4.22 -22.17
N THR A 158 20.11 4.57 -23.34
CA THR A 158 19.28 4.42 -24.53
C THR A 158 19.20 2.99 -25.02
N GLU A 159 20.10 2.12 -24.57
CA GLU A 159 20.21 0.81 -25.18
C GLU A 159 19.50 -0.30 -24.43
N ASP A 160 18.96 -0.04 -23.23
CA ASP A 160 18.33 -1.06 -22.42
C ASP A 160 16.83 -0.79 -22.34
N VAL A 161 16.01 -1.84 -22.51
CA VAL A 161 14.58 -1.71 -22.30
C VAL A 161 14.22 -2.68 -21.17
N TYR A 162 13.04 -2.49 -20.59
CA TYR A 162 12.64 -3.28 -19.43
C TYR A 162 11.19 -3.70 -19.53
N ASP A 163 10.88 -4.84 -18.90
CA ASP A 163 9.52 -5.32 -18.77
C ASP A 163 9.39 -5.89 -17.37
N CYS A 164 8.25 -5.63 -16.74
CA CYS A 164 7.84 -6.33 -15.53
C CYS A 164 6.84 -7.40 -15.96
N ARG A 165 7.16 -8.68 -15.76
CA ARG A 165 6.33 -9.81 -16.13
C ARG A 165 5.60 -10.31 -14.89
N VAL A 166 4.27 -10.32 -14.91
CA VAL A 166 3.49 -10.73 -13.74
C VAL A 166 2.61 -11.94 -14.11
N GLU A 167 2.62 -12.95 -13.23
CA GLU A 167 1.85 -14.17 -13.39
C GLU A 167 1.08 -14.41 -12.10
N HIS A 168 -0.14 -14.95 -12.26
CA HIS A 168 -1.14 -15.08 -11.20
C HIS A 168 -2.20 -16.05 -11.69
N TRP A 169 -2.80 -16.80 -10.77
CA TRP A 169 -3.74 -17.84 -11.18
C TRP A 169 -4.96 -17.25 -11.88
N GLY A 170 -5.25 -15.97 -11.69
CA GLY A 170 -6.38 -15.43 -12.42
C GLY A 170 -6.06 -14.96 -13.83
N LEU A 171 -4.80 -15.04 -14.27
CA LEU A 171 -4.39 -14.59 -15.61
C LEU A 171 -4.20 -15.80 -16.51
N ASP A 172 -4.79 -15.76 -17.73
CA ASP A 172 -4.58 -16.83 -18.70
C ASP A 172 -3.19 -16.77 -19.29
N GLU A 173 -2.62 -15.58 -19.41
CA GLU A 173 -1.30 -15.34 -19.97
C GLU A 173 -0.58 -14.36 -19.08
N PRO A 174 0.74 -14.41 -19.05
CA PRO A 174 1.51 -13.44 -18.26
C PRO A 174 1.22 -12.00 -18.70
N LEU A 175 1.15 -11.08 -17.75
CA LEU A 175 1.10 -9.67 -18.11
C LEU A 175 2.52 -9.19 -18.32
N LEU A 176 2.74 -8.37 -19.34
CA LEU A 176 4.09 -7.90 -19.67
C LEU A 176 4.02 -6.40 -19.84
N LYS A 177 4.58 -5.65 -18.89
CA LYS A 177 4.42 -4.21 -18.89
C LYS A 177 5.78 -3.59 -19.15
N HIS A 178 5.87 -2.73 -20.18
CA HIS A 178 7.12 -2.27 -20.76
C HIS A 178 7.53 -0.91 -20.21
N TRP A 179 8.84 -0.64 -20.20
CA TRP A 179 9.38 0.70 -20.00
C TRP A 179 10.62 0.86 -20.87
N GLU A 180 10.75 2.02 -21.49
CA GLU A 180 11.91 2.37 -22.31
C GLU A 180 12.25 3.81 -21.98
N PHE A 181 13.49 4.20 -22.26
CA PHE A 181 13.82 5.59 -22.13
C PHE A 181 13.03 6.40 -23.15
N ASP A 182 12.35 7.43 -22.66
CA ASP A 182 11.66 8.41 -23.50
C ASP A 182 12.63 9.33 -24.22
N ALA A 183 13.14 8.90 -25.38
CA ALA A 183 14.22 9.58 -26.07
C ALA A 183 13.72 10.74 -26.95
N MET B 1 -2.32 -23.33 -20.66
CA MET B 1 -3.14 -22.15 -20.39
C MET B 1 -3.17 -21.87 -18.86
N GLY B 2 -3.27 -20.60 -18.46
CA GLY B 2 -2.97 -20.24 -17.08
C GLY B 2 -1.51 -19.80 -17.00
N SER B 3 -1.23 -18.72 -16.28
CA SER B 3 0.11 -18.14 -16.39
C SER B 3 1.09 -18.73 -15.37
N MET B 4 0.62 -19.59 -14.48
CA MET B 4 1.39 -20.31 -13.45
C MET B 4 0.77 -21.64 -13.22
N GLY B 5 1.58 -22.62 -12.80
CA GLY B 5 1.07 -23.93 -12.47
C GLY B 5 0.54 -23.99 -11.05
N ASP B 6 0.29 -25.23 -10.62
CA ASP B 6 -0.29 -25.56 -9.32
C ASP B 6 -1.64 -24.85 -9.14
N THR B 7 -2.61 -25.34 -9.89
CA THR B 7 -3.93 -24.74 -9.80
C THR B 7 -4.85 -25.47 -8.76
N ARG B 8 -4.31 -26.09 -7.71
CA ARG B 8 -5.18 -26.56 -6.64
C ARG B 8 -6.04 -25.38 -6.13
N PRO B 9 -7.31 -25.60 -5.76
CA PRO B 9 -8.06 -24.49 -5.14
C PRO B 9 -7.39 -24.01 -3.87
N ARG B 10 -7.54 -22.71 -3.60
CA ARG B 10 -6.98 -22.01 -2.46
C ARG B 10 -8.08 -21.58 -1.48
N PHE B 11 -7.70 -21.48 -0.22
CA PHE B 11 -8.61 -21.07 0.85
C PHE B 11 -7.87 -20.07 1.69
N LEU B 12 -8.51 -18.91 1.95
CA LEU B 12 -7.82 -17.76 2.52
C LEU B 12 -8.61 -17.24 3.70
N TRP B 13 -7.86 -16.93 4.77
CA TRP B 13 -8.47 -16.33 5.94
C TRP B 13 -7.66 -15.09 6.31
N GLN B 14 -8.34 -13.93 6.45
CA GLN B 14 -7.74 -12.65 6.81
C GLN B 14 -8.35 -12.14 8.12
N LEU B 15 -7.52 -11.52 8.93
CA LEU B 15 -7.97 -10.83 10.13
C LEU B 15 -7.38 -9.43 10.07
N LYS B 16 -8.23 -8.42 10.29
CA LYS B 16 -7.79 -7.03 10.28
C LYS B 16 -8.27 -6.38 11.56
N PHE B 17 -7.37 -5.75 12.31
CA PHE B 17 -7.77 -4.90 13.43
C PHE B 17 -7.49 -3.46 13.02
N GLU B 18 -8.53 -2.66 12.75
CA GLU B 18 -8.40 -1.30 12.26
C GLU B 18 -8.62 -0.33 13.43
N CYS B 19 -7.65 0.56 13.65
CA CYS B 19 -7.79 1.63 14.64
C CYS B 19 -7.93 2.92 13.87
N HIS B 20 -9.10 3.55 13.97
CA HIS B 20 -9.46 4.79 13.27
C HIS B 20 -9.39 5.93 14.25
N PHE B 21 -8.67 7.01 13.87
CA PHE B 21 -8.36 8.12 14.78
C PHE B 21 -8.92 9.40 14.19
N PHE B 22 -9.59 10.17 15.04
CA PHE B 22 -10.18 11.46 14.71
C PHE B 22 -9.67 12.47 15.71
N ASN B 23 -9.30 13.66 15.19
CA ASN B 23 -8.78 14.79 15.94
C ASN B 23 -7.65 14.38 16.91
N GLY B 24 -6.59 13.85 16.33
CA GLY B 24 -5.55 13.26 17.13
C GLY B 24 -6.01 11.90 17.61
N THR B 25 -6.11 11.74 18.94
CA THR B 25 -6.75 10.58 19.55
C THR B 25 -7.96 10.99 20.37
N GLU B 26 -8.57 12.13 20.06
CA GLU B 26 -9.78 12.52 20.76
C GLU B 26 -10.87 11.46 20.59
N ARG B 27 -11.06 10.98 19.36
CA ARG B 27 -12.01 9.91 19.07
C ARG B 27 -11.31 8.73 18.41
N VAL B 28 -11.67 7.54 18.86
CA VAL B 28 -11.07 6.30 18.37
C VAL B 28 -12.16 5.27 18.13
N ARG B 29 -12.01 4.52 17.05
CA ARG B 29 -12.94 3.46 16.71
C ARG B 29 -12.10 2.26 16.29
N LEU B 30 -12.29 1.15 16.98
CA LEU B 30 -11.67 -0.13 16.68
C LEU B 30 -12.66 -1.00 15.91
N LEU B 31 -12.20 -1.58 14.81
CA LEU B 31 -13.01 -2.41 13.96
C LEU B 31 -12.19 -3.66 13.68
N GLU B 32 -12.54 -4.77 14.33
CA GLU B 32 -11.99 -6.10 14.06
C GLU B 32 -12.82 -6.82 12.99
N ARG B 33 -12.17 -7.29 11.93
CA ARG B 33 -12.83 -7.88 10.78
C ARG B 33 -12.26 -9.26 10.45
N CYS B 34 -13.15 -10.22 10.25
CA CYS B 34 -12.77 -11.58 9.87
C CYS B 34 -13.29 -11.80 8.45
N ILE B 35 -12.38 -12.16 7.52
CA ILE B 35 -12.72 -12.30 6.10
C ILE B 35 -12.29 -13.68 5.62
N TYR B 36 -13.21 -14.41 5.05
CA TYR B 36 -12.90 -15.73 4.49
C TYR B 36 -12.95 -15.59 2.98
N ASN B 37 -11.84 -15.91 2.30
CA ASN B 37 -11.71 -15.67 0.85
C ASN B 37 -11.87 -14.16 0.58
N GLN B 38 -12.94 -13.72 -0.08
CA GLN B 38 -13.13 -12.28 -0.26
C GLN B 38 -14.34 -11.74 0.49
N GLU B 39 -14.91 -12.50 1.42
CA GLU B 39 -16.16 -12.16 2.09
C GLU B 39 -15.97 -11.95 3.59
N GLU B 40 -16.15 -10.70 4.05
CA GLU B 40 -16.14 -10.44 5.48
C GLU B 40 -17.35 -11.16 6.10
N SER B 41 -17.12 -11.84 7.20
CA SER B 41 -18.19 -12.65 7.78
C SER B 41 -18.61 -12.28 9.19
N VAL B 42 -17.75 -11.64 9.98
CA VAL B 42 -18.08 -11.23 11.36
C VAL B 42 -17.11 -10.12 11.75
N ARG B 43 -17.56 -9.20 12.60
CA ARG B 43 -16.74 -8.07 12.99
C ARG B 43 -17.05 -7.70 14.44
N PHE B 44 -16.10 -7.05 15.10
CA PHE B 44 -16.36 -6.31 16.35
C PHE B 44 -16.10 -4.84 16.07
N ASP B 45 -17.10 -4.01 16.32
CA ASP B 45 -17.05 -2.56 16.15
C ASP B 45 -17.18 -1.93 17.52
N SER B 46 -16.20 -1.13 17.93
CA SER B 46 -16.28 -0.55 19.27
C SER B 46 -17.45 0.42 19.43
N ASP B 47 -17.96 0.99 18.34
CA ASP B 47 -19.15 1.84 18.43
C ASP B 47 -20.40 1.00 18.72
N VAL B 48 -20.33 -0.30 18.46
CA VAL B 48 -21.40 -1.23 18.74
C VAL B 48 -21.17 -1.95 20.06
N GLY B 49 -19.98 -2.44 20.33
CA GLY B 49 -19.73 -3.00 21.64
C GLY B 49 -19.84 -4.49 21.77
N GLU B 50 -20.05 -5.22 20.65
CA GLU B 50 -20.22 -6.66 20.63
C GLU B 50 -19.98 -7.17 19.22
N TYR B 51 -19.68 -8.47 19.09
CA TYR B 51 -19.51 -9.06 17.77
C TYR B 51 -20.82 -9.09 17.02
N ARG B 52 -20.75 -8.91 15.71
CA ARG B 52 -21.93 -8.99 14.85
C ARG B 52 -21.55 -9.78 13.61
N ALA B 53 -22.48 -10.63 13.14
CA ALA B 53 -22.31 -11.37 11.90
C ALA B 53 -22.58 -10.47 10.72
N VAL B 54 -21.69 -10.52 9.73
CA VAL B 54 -21.90 -9.78 8.49
C VAL B 54 -22.62 -10.66 7.47
N THR B 55 -22.23 -11.94 7.43
CA THR B 55 -22.84 -12.99 6.63
C THR B 55 -23.25 -14.17 7.51
N GLU B 56 -23.97 -15.11 6.89
CA GLU B 56 -24.44 -16.30 7.61
C GLU B 56 -23.28 -17.10 8.17
N LEU B 57 -22.20 -17.23 7.38
CA LEU B 57 -21.03 -17.98 7.82
C LEU B 57 -20.47 -17.49 9.14
N GLY B 58 -20.63 -16.18 9.43
CA GLY B 58 -20.15 -15.60 10.67
C GLY B 58 -21.05 -15.72 11.88
N ARG B 59 -22.29 -16.19 11.72
CA ARG B 59 -23.20 -16.25 12.85
C ARG B 59 -22.70 -17.09 14.02
N PRO B 60 -22.08 -18.26 13.85
CA PRO B 60 -21.72 -19.00 15.08
C PRO B 60 -20.62 -18.27 15.86
N ASP B 61 -19.71 -17.62 15.15
CA ASP B 61 -18.59 -16.95 15.81
C ASP B 61 -19.05 -15.74 16.61
N ALA B 62 -19.96 -14.94 16.06
CA ALA B 62 -20.54 -13.88 16.87
C ALA B 62 -21.18 -14.45 18.12
N GLU B 63 -21.92 -15.56 17.99
CA GLU B 63 -22.58 -16.12 19.15
C GLU B 63 -21.57 -16.63 20.16
N TYR B 64 -20.53 -17.33 19.69
CA TYR B 64 -19.57 -17.86 20.64
C TYR B 64 -18.82 -16.74 21.35
N TRP B 65 -18.26 -15.80 20.60
CA TRP B 65 -17.41 -14.79 21.22
C TRP B 65 -18.22 -13.86 22.13
N ASN B 66 -19.46 -13.53 21.76
CA ASN B 66 -20.30 -12.72 22.66
C ASN B 66 -20.65 -13.44 23.95
N SER B 67 -20.46 -14.76 24.02
CA SER B 67 -20.63 -15.48 25.27
C SER B 67 -19.43 -15.35 26.21
N GLN B 68 -18.29 -14.90 25.69
CA GLN B 68 -17.06 -14.79 26.47
C GLN B 68 -16.94 -13.40 27.08
N LYS B 69 -17.31 -13.24 28.34
CA LYS B 69 -17.36 -11.87 28.88
C LYS B 69 -15.97 -11.25 29.03
N ASP B 70 -14.96 -12.05 29.41
CA ASP B 70 -13.59 -11.52 29.46
C ASP B 70 -13.19 -10.93 28.12
N LEU B 71 -13.48 -11.67 27.05
CA LEU B 71 -13.08 -11.21 25.73
C LEU B 71 -13.77 -9.90 25.37
N LEU B 72 -15.06 -9.78 25.69
CA LEU B 72 -15.77 -8.54 25.38
C LEU B 72 -15.23 -7.36 26.18
N GLU B 73 -14.96 -7.57 27.47
CA GLU B 73 -14.30 -6.52 28.26
C GLU B 73 -12.97 -6.09 27.64
N GLN B 74 -12.15 -7.08 27.25
CA GLN B 74 -10.86 -6.77 26.67
C GLN B 74 -11.03 -5.96 25.39
N ARG B 75 -11.92 -6.41 24.51
CA ARG B 75 -12.05 -5.71 23.24
C ARG B 75 -12.62 -4.31 23.46
N ARG B 76 -13.53 -4.17 24.42
CA ARG B 76 -14.15 -2.88 24.71
C ARG B 76 -13.13 -1.88 25.22
N ALA B 77 -12.05 -2.36 25.83
CA ALA B 77 -11.05 -1.45 26.36
C ALA B 77 -9.88 -1.26 25.41
N ALA B 78 -9.84 -2.04 24.33
CA ALA B 78 -8.72 -1.94 23.41
C ALA B 78 -8.63 -0.60 22.70
N VAL B 79 -9.71 0.19 22.62
CA VAL B 79 -9.50 1.53 22.05
C VAL B 79 -8.41 2.26 22.80
N ASP B 80 -8.28 1.98 24.10
CA ASP B 80 -7.24 2.53 24.96
C ASP B 80 -5.97 1.68 24.97
N THR B 81 -6.10 0.38 25.25
CA THR B 81 -4.90 -0.41 25.55
C THR B 81 -4.13 -0.80 24.29
N TYR B 82 -4.78 -0.69 23.13
CA TYR B 82 -4.20 -1.07 21.86
C TYR B 82 -4.12 0.11 20.89
N CYS B 83 -5.27 0.66 20.46
CA CYS B 83 -5.24 1.77 19.50
C CYS B 83 -4.45 2.95 20.02
N ARG B 84 -4.88 3.57 21.13
CA ARG B 84 -4.16 4.74 21.61
C ARG B 84 -2.72 4.40 22.01
N HIS B 85 -2.48 3.20 22.55
CA HIS B 85 -1.10 2.81 22.83
C HIS B 85 -0.26 2.87 21.56
N ASN B 86 -0.69 2.14 20.52
CA ASN B 86 0.11 2.06 19.27
C ASN B 86 0.19 3.40 18.54
N TYR B 87 -0.85 4.22 18.67
CA TYR B 87 -0.78 5.57 18.13
C TYR B 87 0.42 6.28 18.72
N GLY B 88 0.58 6.15 20.04
CA GLY B 88 1.63 6.90 20.72
C GLY B 88 3.00 6.32 20.46
N VAL B 89 3.07 5.00 20.22
CA VAL B 89 4.33 4.35 19.86
C VAL B 89 4.95 5.02 18.64
N GLY B 90 4.15 5.19 17.58
CA GLY B 90 4.67 5.66 16.30
C GLY B 90 4.36 7.08 15.85
N GLU B 91 3.66 7.90 16.66
CA GLU B 91 3.24 9.23 16.22
CA GLU B 91 3.23 9.21 16.19
C GLU B 91 4.39 10.04 15.64
N SER B 92 5.58 9.97 16.27
CA SER B 92 6.63 10.91 15.86
C SER B 92 7.22 10.64 14.48
N PHE B 93 7.12 9.44 13.94
CA PHE B 93 7.66 9.16 12.61
C PHE B 93 6.59 8.67 11.63
N THR B 94 5.31 8.72 12.01
CA THR B 94 4.21 8.42 11.09
C THR B 94 3.33 9.65 10.92
N VAL B 95 2.51 9.97 11.92
CA VAL B 95 1.67 11.18 11.92
C VAL B 95 2.50 12.40 11.64
N GLN B 96 3.68 12.49 12.27
CA GLN B 96 4.48 13.71 12.15
C GLN B 96 5.44 13.68 10.96
N ARG B 97 5.45 12.64 10.15
CA ARG B 97 6.38 12.56 9.05
C ARG B 97 6.03 13.58 7.97
N ARG B 98 7.03 14.35 7.52
CA ARG B 98 6.85 15.39 6.52
C ARG B 98 8.06 15.33 5.60
N VAL B 99 7.90 14.94 4.34
CA VAL B 99 9.01 14.89 3.40
C VAL B 99 8.68 15.82 2.24
N GLU B 100 9.58 16.81 1.99
CA GLU B 100 9.29 17.88 1.02
C GLU B 100 9.32 17.36 -0.41
N PRO B 101 8.33 17.69 -1.24
CA PRO B 101 8.39 17.31 -2.67
C PRO B 101 9.61 17.88 -3.37
N LYS B 102 10.15 17.10 -4.31
CA LYS B 102 11.08 17.59 -5.34
C LYS B 102 10.29 17.92 -6.60
N VAL B 103 10.47 19.13 -7.12
CA VAL B 103 9.64 19.62 -8.22
C VAL B 103 10.57 19.98 -9.37
N THR B 104 10.26 19.43 -10.56
CA THR B 104 10.98 19.75 -11.78
C THR B 104 9.99 20.01 -12.89
N VAL B 105 10.35 20.94 -13.79
CA VAL B 105 9.52 21.27 -14.93
C VAL B 105 10.35 21.00 -16.18
N TYR B 106 9.73 20.38 -17.19
CA TYR B 106 10.46 20.17 -18.43
C TYR B 106 9.49 19.99 -19.60
N PRO B 107 9.89 20.33 -20.82
CA PRO B 107 9.05 20.03 -22.00
C PRO B 107 8.93 18.53 -22.22
N SER B 108 7.72 18.09 -22.56
CA SER B 108 7.55 16.69 -22.93
C SER B 108 8.46 16.38 -24.12
N LYS B 109 8.92 15.14 -24.19
CA LYS B 109 9.61 14.65 -25.38
C LYS B 109 8.66 14.59 -26.57
N THR B 110 7.37 14.54 -26.31
CA THR B 110 6.31 14.52 -27.29
C THR B 110 5.82 15.96 -27.47
N GLN B 111 5.94 16.51 -28.68
CA GLN B 111 5.43 17.85 -28.97
C GLN B 111 4.41 17.74 -30.11
N PRO B 112 3.17 17.32 -29.79
CA PRO B 112 2.21 16.98 -30.85
C PRO B 112 1.60 18.16 -31.58
N LEU B 113 1.52 19.34 -30.97
CA LEU B 113 0.82 20.50 -31.53
C LEU B 113 1.80 21.58 -31.97
N GLN B 114 1.74 21.96 -33.24
CA GLN B 114 2.56 23.07 -33.69
C GLN B 114 2.19 24.34 -32.94
N HIS B 115 3.18 25.19 -32.65
CA HIS B 115 2.99 26.44 -31.93
C HIS B 115 2.51 26.25 -30.50
N HIS B 116 2.55 25.03 -29.98
CA HIS B 116 2.25 24.77 -28.59
C HIS B 116 3.46 24.08 -27.94
N ASN B 117 3.68 24.36 -26.66
CA ASN B 117 4.71 23.67 -25.92
C ASN B 117 4.02 22.88 -24.80
N LEU B 118 4.09 21.56 -24.91
CA LEU B 118 3.54 20.69 -23.87
C LEU B 118 4.52 20.63 -22.70
N LEU B 119 4.12 21.17 -21.56
CA LEU B 119 5.02 21.19 -20.41
C LEU B 119 4.59 20.15 -19.38
N VAL B 120 5.56 19.68 -18.59
CA VAL B 120 5.38 18.61 -17.61
C VAL B 120 5.89 19.13 -16.27
N CYS B 121 5.07 19.00 -15.23
CA CYS B 121 5.52 19.30 -13.87
C CYS B 121 5.56 17.98 -13.09
N SER B 122 6.74 17.60 -12.64
CA SER B 122 6.97 16.37 -11.92
C SER B 122 7.19 16.67 -10.45
N VAL B 123 6.38 16.05 -9.60
CA VAL B 123 6.38 16.32 -8.17
C VAL B 123 6.60 14.98 -7.48
N SER B 124 7.76 14.78 -6.84
CA SER B 124 8.01 13.42 -6.39
C SER B 124 8.64 13.34 -5.01
N GLY B 125 8.62 12.13 -4.47
CA GLY B 125 9.35 11.90 -3.24
C GLY B 125 8.70 12.43 -1.98
N PHE B 126 7.44 12.81 -1.99
CA PHE B 126 6.85 13.56 -0.88
C PHE B 126 6.00 12.68 0.06
N TYR B 127 5.74 13.22 1.27
CA TYR B 127 4.97 12.53 2.32
C TYR B 127 4.45 13.63 3.25
N PRO B 128 3.17 13.61 3.62
CA PRO B 128 2.17 12.58 3.24
C PRO B 128 1.49 12.83 1.89
N GLY B 129 0.39 12.11 1.64
CA GLY B 129 -0.27 12.10 0.34
C GLY B 129 -0.99 13.39 -0.04
N SER B 130 -1.57 14.10 0.94
CA SER B 130 -2.29 15.33 0.63
C SER B 130 -1.40 16.38 -0.07
N ILE B 131 -1.81 16.79 -1.26
CA ILE B 131 -1.03 17.74 -2.03
C ILE B 131 -1.94 18.44 -3.05
N GLU B 132 -1.56 19.66 -3.48
CA GLU B 132 -2.17 20.32 -4.63
C GLU B 132 -1.05 20.74 -5.56
N VAL B 133 -1.18 20.40 -6.84
CA VAL B 133 -0.21 20.80 -7.87
C VAL B 133 -0.99 21.54 -8.94
N ARG B 134 -0.58 22.79 -9.24
CA ARG B 134 -1.38 23.65 -10.08
C ARG B 134 -0.44 24.39 -11.00
N TRP B 135 -0.95 24.80 -12.14
CA TRP B 135 -0.18 25.59 -13.09
C TRP B 135 -0.72 27.01 -13.13
N PHE B 136 0.20 28.00 -13.22
CA PHE B 136 -0.13 29.42 -13.36
C PHE B 136 0.49 29.94 -14.65
N ARG B 137 -0.23 30.81 -15.32
CA ARG B 137 0.30 31.57 -16.45
C ARG B 137 0.33 33.01 -15.94
N ASN B 138 1.53 33.61 -15.91
CA ASN B 138 1.71 34.91 -15.27
C ASN B 138 1.11 34.78 -13.87
N GLY B 139 0.23 35.70 -13.47
CA GLY B 139 -0.40 35.61 -12.16
C GLY B 139 -1.71 34.86 -12.08
N GLN B 140 -2.12 34.17 -13.15
CA GLN B 140 -3.44 33.56 -13.22
C GLN B 140 -3.35 32.05 -13.19
N GLU B 141 -4.09 31.44 -12.28
CA GLU B 141 -4.17 29.99 -12.25
C GLU B 141 -4.82 29.51 -13.55
N GLU B 142 -4.22 28.49 -14.16
CA GLU B 142 -4.78 27.92 -15.39
C GLU B 142 -5.88 26.95 -14.98
N LYS B 143 -7.08 27.17 -15.48
CA LYS B 143 -8.21 26.35 -15.10
C LYS B 143 -8.64 25.42 -16.23
N ALA B 144 -8.01 25.49 -17.41
CA ALA B 144 -8.31 24.64 -18.56
C ALA B 144 -7.00 24.13 -19.17
N GLY B 145 -7.06 22.99 -19.87
CA GLY B 145 -5.89 22.40 -20.49
C GLY B 145 -4.95 21.62 -19.59
N VAL B 146 -5.20 21.54 -18.29
CA VAL B 146 -4.34 20.86 -17.35
C VAL B 146 -4.73 19.38 -17.30
N VAL B 147 -3.74 18.47 -17.26
CA VAL B 147 -4.00 17.04 -17.04
C VAL B 147 -3.13 16.54 -15.89
N SER B 148 -3.72 15.84 -14.93
CA SER B 148 -2.99 15.30 -13.76
C SER B 148 -3.08 13.77 -13.67
N THR B 149 -1.99 13.10 -13.32
CA THR B 149 -2.03 11.67 -12.99
C THR B 149 -2.70 11.40 -11.65
N GLY B 150 -2.97 12.43 -10.87
CA GLY B 150 -3.42 12.23 -9.52
C GLY B 150 -2.30 11.59 -8.68
N LEU B 151 -2.68 11.18 -7.48
CA LEU B 151 -1.70 10.74 -6.48
C LEU B 151 -1.24 9.32 -6.77
N ILE B 152 0.07 9.11 -6.73
CA ILE B 152 0.64 7.79 -6.98
C ILE B 152 1.43 7.37 -5.72
N GLN B 153 1.10 6.22 -5.12
CA GLN B 153 1.84 5.72 -3.98
CA GLN B 153 1.85 5.71 -3.98
C GLN B 153 3.02 4.87 -4.48
N ASN B 154 4.23 5.13 -3.95
CA ASN B 154 5.41 4.39 -4.38
C ASN B 154 5.69 3.16 -3.54
N GLY B 155 4.97 2.99 -2.40
CA GLY B 155 5.11 1.81 -1.57
C GLY B 155 6.20 1.90 -0.52
N ASP B 156 6.91 3.03 -0.45
CA ASP B 156 8.09 3.18 0.40
C ASP B 156 8.00 4.42 1.29
N TRP B 157 6.77 4.84 1.61
CA TRP B 157 6.50 6.04 2.41
C TRP B 157 6.80 7.31 1.61
N THR B 158 6.68 7.23 0.28
CA THR B 158 6.71 8.42 -0.57
C THR B 158 5.65 8.30 -1.65
N PHE B 159 5.31 9.45 -2.23
CA PHE B 159 4.30 9.57 -3.27
C PHE B 159 4.86 10.39 -4.44
N GLN B 160 4.16 10.35 -5.57
CA GLN B 160 4.49 11.26 -6.67
C GLN B 160 3.20 11.62 -7.43
N THR B 161 3.30 12.67 -8.24
CA THR B 161 2.24 13.07 -9.15
C THR B 161 2.88 13.81 -10.32
N LEU B 162 2.16 13.81 -11.44
CA LEU B 162 2.68 14.39 -12.67
C LEU B 162 1.56 15.24 -13.25
N VAL B 163 1.83 16.50 -13.62
CA VAL B 163 0.77 17.40 -14.10
C VAL B 163 1.26 18.09 -15.37
N MET B 164 0.52 17.93 -16.47
CA MET B 164 0.92 18.47 -17.77
C MET B 164 0.02 19.61 -18.20
N LEU B 165 0.58 20.52 -19.00
CA LEU B 165 -0.15 21.68 -19.51
C LEU B 165 0.27 21.95 -20.95
N GLU B 166 -0.69 22.09 -21.88
CA GLU B 166 -0.35 22.55 -23.23
C GLU B 166 -0.34 24.07 -23.19
N THR B 167 0.76 24.69 -23.59
CA THR B 167 0.85 26.14 -23.54
C THR B 167 0.94 26.66 -24.97
N VAL B 168 0.36 27.83 -25.22
CA VAL B 168 0.68 28.60 -26.43
C VAL B 168 1.65 29.67 -25.97
N PRO B 169 2.96 29.41 -26.05
CA PRO B 169 3.96 30.25 -25.38
C PRO B 169 4.22 31.52 -26.18
N ARG B 170 3.74 32.65 -25.66
CA ARG B 170 4.01 33.98 -26.16
C ARG B 170 5.20 34.58 -25.43
N SER B 171 5.78 35.62 -26.04
CA SER B 171 6.91 36.31 -25.43
C SER B 171 6.47 37.09 -24.20
N GLY B 172 7.24 36.98 -23.11
CA GLY B 172 6.83 37.62 -21.88
C GLY B 172 5.87 36.78 -21.03
N GLU B 173 5.60 35.56 -21.42
CA GLU B 173 4.76 34.72 -20.59
C GLU B 173 5.61 33.81 -19.70
N VAL B 174 5.16 33.67 -18.46
CA VAL B 174 5.86 32.87 -17.47
C VAL B 174 4.86 31.85 -16.94
N TYR B 175 5.24 30.59 -16.99
CA TYR B 175 4.42 29.47 -16.57
C TYR B 175 5.01 28.92 -15.29
N THR B 176 4.22 28.79 -14.24
CA THR B 176 4.75 28.38 -12.94
C THR B 176 4.00 27.14 -12.51
N CYS B 177 4.74 26.07 -12.14
CA CYS B 177 4.15 24.95 -11.43
C CYS B 177 4.27 25.24 -9.93
N GLN B 178 3.14 25.20 -9.21
CA GLN B 178 3.03 25.60 -7.81
C GLN B 178 2.46 24.44 -7.00
N VAL B 179 3.13 24.12 -5.90
CA VAL B 179 2.81 22.96 -5.08
C VAL B 179 2.45 23.43 -3.66
N GLU B 180 1.29 22.99 -3.16
CA GLU B 180 0.92 23.20 -1.77
C GLU B 180 0.99 21.83 -1.09
N HIS B 181 1.66 21.77 0.05
CA HIS B 181 1.92 20.47 0.69
C HIS B 181 2.19 20.72 2.16
N PRO B 182 1.78 19.83 3.07
CA PRO B 182 1.94 20.16 4.51
C PRO B 182 3.40 20.30 4.97
N SER B 183 4.39 19.80 4.21
CA SER B 183 5.80 19.95 4.59
C SER B 183 6.34 21.36 4.45
N VAL B 184 5.63 22.30 3.80
CA VAL B 184 6.14 23.65 3.62
C VAL B 184 5.04 24.66 3.99
N THR B 185 5.45 25.75 4.59
CA THR B 185 4.49 26.79 4.94
C THR B 185 4.24 27.76 3.76
N SER B 186 5.16 27.84 2.81
CA SER B 186 4.94 28.65 1.64
C SER B 186 5.05 27.73 0.42
N PRO B 187 4.21 27.92 -0.63
CA PRO B 187 4.15 26.94 -1.74
C PRO B 187 5.51 26.80 -2.40
N LEU B 188 5.80 25.60 -2.92
CA LEU B 188 6.95 25.43 -3.80
C LEU B 188 6.59 25.89 -5.20
N THR B 189 7.49 26.60 -5.87
CA THR B 189 7.25 27.01 -7.25
C THR B 189 8.48 26.76 -8.11
N VAL B 190 8.24 26.30 -9.35
CA VAL B 190 9.29 26.14 -10.36
C VAL B 190 8.76 26.79 -11.63
N GLU B 191 9.52 27.69 -12.23
CA GLU B 191 9.02 28.47 -13.36
CA GLU B 191 8.96 28.43 -13.35
C GLU B 191 9.63 28.03 -14.67
N TRP B 192 8.84 28.17 -15.74
CA TRP B 192 9.27 28.08 -17.12
C TRP B 192 9.04 29.42 -17.83
N ARG B 193 10.11 30.03 -18.31
CA ARG B 193 10.05 31.31 -19.03
C ARG B 193 10.03 31.04 -20.53
N ALA B 194 8.92 31.33 -21.19
CA ALA B 194 8.81 31.12 -22.65
C ALA B 194 9.74 32.05 -23.44
N PHE C 1 10.80 -0.45 26.77
CA PHE C 1 10.91 -0.33 25.30
C PHE C 1 9.65 0.32 24.73
N ASN C 2 9.76 0.85 23.51
CA ASN C 2 8.67 1.52 22.81
C ASN C 2 8.04 0.48 21.89
N CYS C 3 6.97 -0.18 22.34
CA CYS C 3 6.56 -1.48 21.82
CA CYS C 3 6.54 -1.49 21.86
C CYS C 3 5.19 -1.42 21.17
N TYR C 4 5.12 -1.83 19.91
CA TYR C 4 3.80 -2.08 19.30
C TYR C 4 3.17 -3.29 20.00
N PHE C 5 1.88 -3.18 20.37
CA PHE C 5 1.19 -4.36 20.96
C PHE C 5 0.22 -4.95 19.96
N PRO C 6 0.18 -6.29 19.75
CA PRO C 6 -0.84 -6.87 18.87
C PRO C 6 -2.12 -7.14 19.64
N LEU C 7 -3.23 -7.18 18.91
CA LEU C 7 -4.42 -7.81 19.43
C LEU C 7 -4.35 -9.29 19.09
N GLN C 8 -4.73 -10.12 20.06
CA GLN C 8 -4.62 -11.56 19.96
C GLN C 8 -5.83 -12.12 19.24
N SER C 9 -5.57 -12.97 18.26
CA SER C 9 -6.68 -13.66 17.63
C SER C 9 -7.14 -14.80 18.54
N TYR C 10 -8.43 -15.05 18.58
CA TYR C 10 -9.01 -16.09 19.42
C TYR C 10 -9.68 -17.13 18.54
N GLY C 11 -9.64 -18.37 18.98
CA GLY C 11 -10.09 -19.45 18.12
C GLY C 11 -11.60 -19.50 17.96
N PHE C 12 -12.05 -20.17 16.88
CA PHE C 12 -13.47 -20.41 16.80
C PHE C 12 -13.84 -21.46 17.84
N GLN C 13 -15.14 -21.61 18.08
CA GLN C 13 -15.55 -22.66 18.98
C GLN C 13 -15.11 -23.98 18.36
N PRO C 14 -14.44 -24.85 19.13
CA PRO C 14 -14.01 -26.18 18.68
C PRO C 14 -15.17 -27.16 18.62
C1 EDO D . 12.43 -5.29 16.50
O1 EDO D . 11.74 -5.50 17.76
C2 EDO D . 13.62 -4.31 16.54
O2 EDO D . 13.31 -2.94 16.95
C1 EDO E . -6.08 -0.07 3.63
O1 EDO E . -6.15 -1.48 3.29
C2 EDO E . -4.71 0.35 4.24
O2 EDO E . -3.65 0.08 3.29
C1 EDO F . 18.11 1.69 -19.60
O1 EDO F . 17.07 2.63 -19.35
C2 EDO F . 18.77 1.28 -18.30
O2 EDO F . 19.77 0.23 -18.43
C1 EDO G . -6.75 15.34 -15.02
O1 EDO G . -6.99 16.56 -14.36
C2 EDO G . -7.79 14.33 -14.54
O2 EDO G . -9.12 14.87 -14.58
C1 EDO H . -14.12 6.52 22.08
O1 EDO H . -13.16 7.51 21.67
C2 EDO H . -13.54 5.57 23.13
O2 EDO H . -12.47 6.28 23.79
C1 EDO I . 1.03 26.48 1.92
O1 EDO I . -0.25 26.07 1.43
C2 EDO I . 2.15 25.78 1.17
O2 EDO I . 1.95 24.40 1.38
C1 EDO J . -20.39 -2.59 12.79
O1 EDO J . -20.30 -1.87 11.58
C2 EDO J . -21.43 -3.69 12.75
O2 EDO J . -21.17 -4.61 13.81
C1 EDO K . -3.77 -5.02 23.61
O1 EDO K . -4.89 -4.41 24.26
C2 EDO K . -2.54 -4.57 24.40
O2 EDO K . -2.01 -5.79 24.98
C1 EDO L . 9.13 26.91 4.05
O1 EDO L . 8.33 27.13 2.86
C2 EDO L . 8.55 25.73 4.87
O2 EDO L . 9.58 24.78 5.22
C1 EDO M . -2.83 20.83 -0.12
O1 EDO M . -4.24 21.09 0.09
C2 EDO M . -2.12 20.65 1.22
O2 EDO M . -2.81 19.59 1.91
N DHL N . 8.30 -6.84 24.05
N DHL N . 8.73 -6.09 24.18
CA DHL N . 9.06 -5.65 23.76
CA DHL N . 9.35 -5.60 22.95
CB DHL N . 8.87 -5.24 22.31
CB DHL N . 8.33 -4.92 22.06
SG DHL N . 7.34 -4.35 22.26
SG DHL N . 8.01 -3.43 23.04
#